data_3RG9
#
_entry.id   3RG9
#
_cell.length_a   58.409
_cell.length_b   58.409
_cell.length_c   151.123
_cell.angle_alpha   90.00
_cell.angle_beta   90.00
_cell.angle_gamma   90.00
#
_symmetry.space_group_name_H-M   'P 41'
#
loop_
_entity.id
_entity.type
_entity.pdbx_description
1 polymer 'Bifunctional dihydrofolate reductase-thymidylate synthase'
2 non-polymer 'NADPH DIHYDRO-NICOTINAMIDE-ADENINE-DINUCLEOTIDE PHOSPHATE'
3 non-polymer 6,6-DIMETHYL-1-[3-(2,4,5-TRICHLOROPHENOXY)PROPOXY]-1,6-DIHYDRO-1,3,5-TRIAZINE-2,4-DIAMINE
4 water water
#
_entity_poly.entity_id   1
_entity_poly.type   'polypeptide(L)'
_entity_poly.pdbx_seq_one_letter_code
;MLSLTRILRKKIPVHELAGKISRPPLRPFSVVVASDEKGGIGDGGTIPWEIPEDMQYFRRVTTNLRGKNVKPSPSKRNAV
VMGRKTWDSLPPKFRPLSNRLNVVLSRSATKEQLLAGIPDPIKRAEAANDVVAVNGGLEDALRMLVSKEHTSSIETVFCI
GGGTIYKQALCAPCVNVLQAIHRTVVRPASNSCSVFFDIPAAGTKTPEGLELVRESITDERVSTGAGGKKYQFEKLVPRN
;
_entity_poly.pdbx_strand_id   A,B
#
# COMPACT_ATOMS: atom_id res chain seq x y z
N ARG A 23 -12.50 -1.41 40.24
CA ARG A 23 -11.86 -1.82 38.95
C ARG A 23 -10.96 -0.69 38.47
N PRO A 24 -9.74 -1.02 38.03
CA PRO A 24 -8.83 0.03 37.56
C PRO A 24 -9.49 0.92 36.51
N PRO A 25 -9.55 2.24 36.76
CA PRO A 25 -10.16 3.21 35.85
C PRO A 25 -9.48 3.24 34.47
N LEU A 26 -10.24 3.65 33.46
CA LEU A 26 -9.73 3.71 32.10
C LEU A 26 -9.38 5.14 31.70
N ARG A 27 -8.28 5.30 30.97
CA ARG A 27 -7.85 6.61 30.52
C ARG A 27 -8.86 7.18 29.52
N PRO A 28 -9.28 8.44 29.71
CA PRO A 28 -10.25 9.05 28.79
C PRO A 28 -9.61 9.13 27.39
N PHE A 29 -10.43 9.21 26.35
CA PHE A 29 -9.89 9.28 24.99
C PHE A 29 -10.86 9.88 23.99
N SER A 30 -10.35 10.20 22.80
CA SER A 30 -11.16 10.76 21.73
C SER A 30 -10.98 9.91 20.47
N VAL A 31 -11.99 9.95 19.61
CA VAL A 31 -11.94 9.20 18.36
C VAL A 31 -11.73 10.16 17.20
N VAL A 32 -10.88 9.76 16.26
CA VAL A 32 -10.65 10.56 15.07
C VAL A 32 -10.88 9.55 13.95
N VAL A 33 -11.79 9.87 13.05
CA VAL A 33 -12.14 8.95 11.98
C VAL A 33 -12.66 9.70 10.76
N ALA A 34 -12.65 9.02 9.61
CA ALA A 34 -13.18 9.56 8.37
C ALA A 34 -14.09 8.46 7.82
N SER A 35 -15.34 8.78 7.56
CA SER A 35 -16.26 7.77 7.05
C SER A 35 -17.37 8.40 6.22
N ASP A 36 -17.94 7.62 5.29
CA ASP A 36 -19.02 8.13 4.45
C ASP A 36 -20.38 7.92 5.13
N GLU A 37 -21.44 8.35 4.47
CA GLU A 37 -22.80 8.25 5.01
C GLU A 37 -23.28 6.83 5.29
N LYS A 38 -22.61 5.83 4.71
CA LYS A 38 -22.99 4.46 4.97
C LYS A 38 -22.12 3.93 6.11
N GLY A 39 -21.27 4.81 6.64
CA GLY A 39 -20.38 4.44 7.73
C GLY A 39 -19.11 3.77 7.25
N GLY A 40 -18.94 3.67 5.94
CA GLY A 40 -17.75 3.03 5.40
C GLY A 40 -16.45 3.75 5.73
N ILE A 41 -15.45 2.99 6.15
CA ILE A 41 -14.15 3.55 6.49
C ILE A 41 -12.98 2.93 5.72
N GLY A 42 -13.20 1.77 5.11
CA GLY A 42 -12.12 1.13 4.37
C GLY A 42 -12.54 -0.13 3.63
N ASP A 43 -11.62 -0.67 2.84
CA ASP A 43 -11.89 -1.88 2.05
C ASP A 43 -11.30 -3.13 2.70
N GLY A 44 -10.82 -2.97 3.93
CA GLY A 44 -10.23 -4.09 4.65
C GLY A 44 -8.72 -3.95 4.71
N GLY A 45 -8.14 -3.34 3.67
CA GLY A 45 -6.70 -3.16 3.63
C GLY A 45 -6.27 -1.71 3.67
N THR A 46 -7.04 -0.83 3.04
CA THR A 46 -6.68 0.59 3.03
C THR A 46 -7.91 1.50 3.00
N ILE A 47 -7.67 2.80 2.83
CA ILE A 47 -8.72 3.79 2.76
C ILE A 47 -8.94 4.04 1.27
N PRO A 48 -10.19 3.89 0.79
CA PRO A 48 -10.58 4.07 -0.61
C PRO A 48 -10.52 5.47 -1.23
N TRP A 49 -10.48 6.51 -0.40
CA TRP A 49 -10.45 7.86 -0.95
C TRP A 49 -9.16 8.61 -0.67
N GLU A 50 -8.90 9.61 -1.51
CA GLU A 50 -7.72 10.46 -1.41
C GLU A 50 -8.18 11.87 -1.06
N ILE A 51 -8.11 12.22 0.22
CA ILE A 51 -8.51 13.54 0.68
C ILE A 51 -7.35 14.13 1.49
N PRO A 52 -6.40 14.77 0.81
CA PRO A 52 -5.24 15.37 1.48
C PRO A 52 -5.59 16.34 2.60
N GLU A 53 -6.72 17.02 2.49
CA GLU A 53 -7.13 17.97 3.52
C GLU A 53 -7.37 17.24 4.83
N ASP A 54 -7.98 16.06 4.76
CA ASP A 54 -8.25 15.25 5.93
C ASP A 54 -6.94 14.71 6.50
N MET A 55 -6.06 14.26 5.61
CA MET A 55 -4.77 13.73 6.03
C MET A 55 -4.03 14.77 6.86
N GLN A 56 -3.99 15.99 6.36
CA GLN A 56 -3.31 17.08 7.06
C GLN A 56 -4.01 17.43 8.38
N TYR A 57 -5.34 17.52 8.34
CA TYR A 57 -6.08 17.84 9.55
C TYR A 57 -5.85 16.74 10.59
N PHE A 58 -5.92 15.49 10.15
CA PHE A 58 -5.70 14.36 11.05
C PHE A 58 -4.33 14.47 11.73
N ARG A 59 -3.31 14.82 10.96
CA ARG A 59 -1.97 14.95 11.48
C ARG A 59 -1.92 16.01 12.58
N ARG A 60 -2.46 17.18 12.29
CA ARG A 60 -2.46 18.30 13.24
C ARG A 60 -3.24 17.99 14.52
N VAL A 61 -4.45 17.46 14.35
CA VAL A 61 -5.29 17.14 15.50
C VAL A 61 -4.65 16.13 16.43
N THR A 62 -4.08 15.06 15.89
CA THR A 62 -3.46 14.04 16.72
C THR A 62 -2.07 14.41 17.24
N THR A 63 -1.42 15.39 16.61
CA THR A 63 -0.08 15.78 17.03
C THR A 63 -0.03 16.94 18.02
N ASN A 64 -0.88 17.94 17.80
CA ASN A 64 -0.91 19.14 18.63
C ASN A 64 -1.11 18.95 20.13
N LEU A 65 -0.30 19.69 20.90
CA LEU A 65 -0.36 19.67 22.36
C LEU A 65 -0.91 21.02 22.81
N ARG A 66 -1.67 21.03 23.90
CA ARG A 66 -2.25 22.28 24.36
C ARG A 66 -1.25 23.28 24.93
N GLY A 67 -1.67 24.53 25.02
CA GLY A 67 -0.80 25.57 25.53
C GLY A 67 0.02 26.17 24.42
N LYS A 68 0.87 27.14 24.76
CA LYS A 68 1.71 27.80 23.77
C LYS A 68 3.06 27.15 23.57
N ASN A 69 3.43 26.97 22.30
CA ASN A 69 4.72 26.43 21.92
C ASN A 69 5.23 25.21 22.67
N VAL A 70 4.40 24.18 22.78
CA VAL A 70 4.82 22.94 23.42
C VAL A 70 5.07 21.95 22.30
N LYS A 71 6.34 21.67 22.03
CA LYS A 71 6.72 20.73 20.98
C LYS A 71 6.65 19.30 21.48
N PRO A 72 6.04 18.41 20.69
CA PRO A 72 5.92 17.02 21.09
C PRO A 72 7.28 16.39 21.36
N SER A 73 7.35 15.54 22.38
CA SER A 73 8.59 14.84 22.75
C SER A 73 8.19 13.64 23.60
N PRO A 74 9.13 12.71 23.82
CA PRO A 74 8.86 11.52 24.63
C PRO A 74 8.39 11.92 26.02
N SER A 75 8.77 13.12 26.45
CA SER A 75 8.36 13.64 27.75
C SER A 75 6.88 13.93 27.83
N LYS A 76 6.32 14.38 26.72
CA LYS A 76 4.90 14.68 26.65
C LYS A 76 4.49 14.71 25.19
N ARG A 77 3.47 13.93 24.87
CA ARG A 77 2.97 13.86 23.51
C ARG A 77 1.67 13.14 23.57
N ASN A 78 0.92 13.11 22.46
CA ASN A 78 -0.33 12.39 22.41
C ASN A 78 -0.04 10.98 21.98
N ALA A 79 -0.98 10.08 22.21
CA ALA A 79 -0.84 8.69 21.83
C ALA A 79 -1.95 8.40 20.84
N VAL A 80 -1.64 7.59 19.85
CA VAL A 80 -2.63 7.19 18.86
C VAL A 80 -2.74 5.68 19.01
N VAL A 81 -3.94 5.20 19.29
CA VAL A 81 -4.20 3.77 19.48
C VAL A 81 -4.85 3.24 18.22
N MET A 82 -4.27 2.18 17.66
CA MET A 82 -4.78 1.59 16.42
C MET A 82 -4.68 0.07 16.41
N GLY A 83 -5.47 -0.56 15.55
CA GLY A 83 -5.43 -2.00 15.42
C GLY A 83 -4.23 -2.35 14.57
N ARG A 84 -3.75 -3.58 14.67
CA ARG A 84 -2.58 -4.00 13.90
C ARG A 84 -2.76 -3.85 12.40
N LYS A 85 -3.98 -4.08 11.90
CA LYS A 85 -4.23 -3.97 10.47
C LYS A 85 -4.12 -2.51 10.02
N THR A 86 -4.49 -1.57 10.91
CA THR A 86 -4.38 -0.16 10.57
C THR A 86 -2.90 0.22 10.52
N TRP A 87 -2.12 -0.34 11.44
CA TRP A 87 -0.68 -0.09 11.47
C TRP A 87 -0.08 -0.59 10.15
N ASP A 88 -0.51 -1.78 9.73
CA ASP A 88 0.00 -2.33 8.48
C ASP A 88 -0.42 -1.49 7.28
N SER A 89 -1.56 -0.82 7.39
CA SER A 89 -2.05 0.01 6.29
C SER A 89 -1.23 1.27 6.09
N LEU A 90 -0.50 1.68 7.13
CA LEU A 90 0.33 2.88 7.05
C LEU A 90 1.51 2.75 6.08
N PRO A 91 1.60 3.64 5.09
CA PRO A 91 2.73 3.53 4.16
C PRO A 91 4.01 3.84 4.93
N PRO A 92 5.17 3.40 4.41
CA PRO A 92 6.46 3.63 5.09
C PRO A 92 6.67 5.08 5.59
N LYS A 93 6.21 6.05 4.80
CA LYS A 93 6.37 7.44 5.18
C LYS A 93 5.52 7.82 6.41
N PHE A 94 4.60 6.96 6.79
CA PHE A 94 3.74 7.24 7.94
C PHE A 94 3.87 6.20 9.04
N ARG A 95 4.91 5.37 8.97
CA ARG A 95 5.07 4.34 9.99
C ARG A 95 6.42 4.44 10.70
N PRO A 96 6.40 4.80 11.99
CA PRO A 96 5.17 5.12 12.74
C PRO A 96 4.68 6.54 12.48
N LEU A 97 3.54 6.89 13.07
CA LEU A 97 3.02 8.24 12.91
C LEU A 97 3.91 9.10 13.81
N SER A 98 4.72 9.96 13.19
CA SER A 98 5.67 10.78 13.95
C SER A 98 5.11 11.75 14.96
N ASN A 99 5.91 12.02 15.99
CA ASN A 99 5.58 12.95 17.07
C ASN A 99 4.42 12.52 17.94
N ARG A 100 4.12 11.23 17.92
CA ARG A 100 3.04 10.66 18.71
C ARG A 100 3.44 9.26 19.14
N LEU A 101 2.94 8.82 20.29
CA LEU A 101 3.25 7.47 20.75
C LEU A 101 2.30 6.55 19.98
N ASN A 102 2.86 5.61 19.22
CA ASN A 102 2.04 4.69 18.45
C ASN A 102 1.73 3.43 19.29
N VAL A 103 0.47 3.29 19.67
CA VAL A 103 0.03 2.14 20.48
C VAL A 103 -0.71 1.18 19.56
N VAL A 104 -0.08 0.04 19.26
CA VAL A 104 -0.68 -0.94 18.36
C VAL A 104 -1.25 -2.14 19.11
N LEU A 105 -2.50 -2.47 18.80
CA LEU A 105 -3.17 -3.61 19.43
C LEU A 105 -3.02 -4.85 18.57
N SER A 106 -2.52 -5.93 19.16
CA SER A 106 -2.33 -7.17 18.43
C SER A 106 -2.31 -8.38 19.36
N ARG A 107 -2.94 -9.47 18.93
CA ARG A 107 -2.97 -10.68 19.74
C ARG A 107 -1.67 -11.45 19.64
N SER A 108 -0.88 -11.17 18.61
CA SER A 108 0.38 -11.89 18.41
C SER A 108 1.63 -11.04 18.17
N ALA A 109 1.51 -10.00 17.35
CA ALA A 109 2.67 -9.17 17.04
C ALA A 109 3.27 -8.44 18.24
N THR A 110 4.58 -8.60 18.43
CA THR A 110 5.30 -7.94 19.52
C THR A 110 5.81 -6.61 18.99
N LYS A 111 6.41 -5.80 19.86
CA LYS A 111 6.95 -4.51 19.45
C LYS A 111 8.02 -4.69 18.39
N GLU A 112 8.93 -5.64 18.61
CA GLU A 112 9.99 -5.87 17.64
C GLU A 112 9.44 -6.31 16.29
N GLN A 113 8.42 -7.14 16.29
CA GLN A 113 7.82 -7.61 15.05
C GLN A 113 7.15 -6.45 14.30
N LEU A 114 6.57 -5.51 15.03
CA LEU A 114 5.92 -4.36 14.39
C LEU A 114 6.97 -3.46 13.74
N LEU A 115 8.11 -3.32 14.41
CA LEU A 115 9.21 -2.49 13.91
C LEU A 115 9.90 -3.17 12.71
N ALA A 116 9.88 -4.49 12.69
CA ALA A 116 10.52 -5.28 11.64
C ALA A 116 10.05 -4.94 10.23
N GLY A 117 8.83 -4.42 10.12
CA GLY A 117 8.28 -4.07 8.82
C GLY A 117 8.65 -2.70 8.30
N ILE A 118 9.35 -1.91 9.11
CA ILE A 118 9.78 -0.58 8.70
C ILE A 118 11.04 -0.76 7.85
N PRO A 119 10.94 -0.51 6.53
CA PRO A 119 12.05 -0.67 5.58
C PRO A 119 13.36 0.09 5.81
N ASP A 120 13.30 1.36 6.22
CA ASP A 120 14.52 2.11 6.46
C ASP A 120 15.06 1.67 7.82
N PRO A 121 16.23 1.00 7.84
CA PRO A 121 16.85 0.49 9.08
C PRO A 121 17.20 1.56 10.11
N ILE A 122 17.54 2.75 9.67
CA ILE A 122 17.88 3.83 10.60
C ILE A 122 16.56 4.37 11.16
N LYS A 123 15.57 4.53 10.29
CA LYS A 123 14.28 5.01 10.75
C LYS A 123 13.68 3.99 11.72
N ARG A 124 13.91 2.70 11.45
CA ARG A 124 13.39 1.63 12.31
C ARG A 124 14.03 1.75 13.69
N ALA A 125 15.31 2.10 13.72
CA ALA A 125 16.03 2.25 14.97
C ALA A 125 15.42 3.43 15.75
N GLU A 126 15.20 4.53 15.04
CA GLU A 126 14.63 5.73 15.64
C GLU A 126 13.19 5.50 16.10
N ALA A 127 12.47 4.62 15.41
CA ALA A 127 11.07 4.34 15.73
C ALA A 127 10.83 3.52 17.00
N ALA A 128 11.83 2.77 17.45
CA ALA A 128 11.68 1.93 18.63
C ALA A 128 11.12 2.69 19.84
N ASN A 129 11.49 3.97 19.92
CA ASN A 129 11.08 4.85 21.01
C ASN A 129 9.63 5.31 20.87
N ASP A 130 9.06 5.15 19.68
CA ASP A 130 7.69 5.62 19.45
C ASP A 130 6.63 4.54 19.28
N VAL A 131 7.00 3.29 19.51
CA VAL A 131 6.05 2.20 19.33
C VAL A 131 5.91 1.28 20.52
N VAL A 132 4.66 1.00 20.88
CA VAL A 132 4.37 0.09 21.98
C VAL A 132 3.28 -0.88 21.51
N ALA A 133 3.49 -2.16 21.76
CA ALA A 133 2.53 -3.17 21.36
C ALA A 133 1.69 -3.56 22.57
N VAL A 134 0.39 -3.75 22.35
CA VAL A 134 -0.49 -4.14 23.43
C VAL A 134 -1.21 -5.42 23.01
N ASN A 135 -1.01 -6.48 23.78
CA ASN A 135 -1.68 -7.73 23.45
C ASN A 135 -3.03 -7.65 24.15
N GLY A 136 -3.94 -6.92 23.52
CA GLY A 136 -5.28 -6.75 24.07
C GLY A 136 -6.02 -5.73 23.24
N GLY A 137 -7.27 -5.44 23.62
CA GLY A 137 -8.04 -4.47 22.88
C GLY A 137 -7.92 -3.07 23.42
N LEU A 138 -8.81 -2.19 22.96
CA LEU A 138 -8.81 -0.79 23.39
C LEU A 138 -8.83 -0.66 24.91
N GLU A 139 -9.67 -1.47 25.57
CA GLU A 139 -9.76 -1.41 27.02
C GLU A 139 -8.39 -1.64 27.64
N ASP A 140 -7.69 -2.66 27.16
CA ASP A 140 -6.36 -2.96 27.68
C ASP A 140 -5.44 -1.78 27.47
N ALA A 141 -5.51 -1.15 26.31
CA ALA A 141 -4.68 0.01 26.02
C ALA A 141 -5.00 1.16 26.97
N LEU A 142 -6.29 1.39 27.22
CA LEU A 142 -6.71 2.46 28.11
C LEU A 142 -6.30 2.21 29.56
N ARG A 143 -6.30 0.95 29.98
CA ARG A 143 -5.89 0.63 31.36
C ARG A 143 -4.42 0.97 31.48
N MET A 144 -3.66 0.64 30.45
CA MET A 144 -2.22 0.89 30.40
C MET A 144 -1.86 2.38 30.38
N LEU A 145 -2.60 3.14 29.59
CA LEU A 145 -2.35 4.58 29.46
C LEU A 145 -2.73 5.38 30.68
N VAL A 146 -3.20 4.67 31.71
CA VAL A 146 -3.60 5.28 32.97
C VAL A 146 -2.44 5.24 33.97
N SER A 147 -1.43 4.45 33.64
CA SER A 147 -0.26 4.32 34.51
C SER A 147 0.33 5.70 34.79
N LYS A 148 0.93 5.87 35.97
CA LYS A 148 1.49 7.16 36.32
C LYS A 148 2.49 7.65 35.30
N GLU A 149 3.21 6.73 34.66
CA GLU A 149 4.19 7.10 33.63
C GLU A 149 3.47 7.84 32.51
N HIS A 150 2.49 7.15 31.92
CA HIS A 150 1.72 7.70 30.81
C HIS A 150 0.81 8.86 31.17
N THR A 151 0.32 8.92 32.40
CA THR A 151 -0.56 10.01 32.80
C THR A 151 0.17 11.34 32.62
N SER A 152 1.49 11.31 32.78
CA SER A 152 2.28 12.52 32.63
C SER A 152 2.83 12.74 31.23
N SER A 153 3.36 11.67 30.63
CA SER A 153 3.96 11.75 29.31
C SER A 153 2.96 11.75 28.14
N ILE A 154 1.73 11.31 28.39
CA ILE A 154 0.72 11.28 27.34
C ILE A 154 -0.40 12.27 27.70
N GLU A 155 -0.55 13.31 26.88
CA GLU A 155 -1.55 14.33 27.13
C GLU A 155 -2.95 13.89 26.72
N THR A 156 -3.11 13.56 25.44
CA THR A 156 -4.41 13.10 24.95
C THR A 156 -4.25 11.79 24.20
N VAL A 157 -5.24 10.90 24.38
CA VAL A 157 -5.27 9.60 23.72
C VAL A 157 -6.29 9.63 22.59
N PHE A 158 -5.85 9.30 21.39
CA PHE A 158 -6.72 9.28 20.22
C PHE A 158 -6.85 7.88 19.65
N CYS A 159 -8.09 7.40 19.53
CA CYS A 159 -8.36 6.10 18.95
C CYS A 159 -8.47 6.37 17.45
N ILE A 160 -7.62 5.75 16.64
CA ILE A 160 -7.64 6.03 15.21
C ILE A 160 -8.00 4.91 14.26
N GLY A 161 -8.69 3.88 14.76
CA GLY A 161 -9.10 2.78 13.90
C GLY A 161 -8.35 1.47 14.10
N GLY A 162 -8.73 0.44 13.35
CA GLY A 162 -9.81 0.56 12.38
C GLY A 162 -11.16 0.06 12.87
N GLY A 163 -11.85 -0.68 12.02
CA GLY A 163 -13.17 -1.21 12.36
C GLY A 163 -13.33 -1.87 13.72
N THR A 164 -12.48 -2.84 14.04
CA THR A 164 -12.59 -3.54 15.31
C THR A 164 -12.35 -2.64 16.51
N ILE A 165 -11.46 -1.67 16.36
CA ILE A 165 -11.16 -0.77 17.46
C ILE A 165 -12.22 0.31 17.65
N TYR A 166 -12.76 0.82 16.55
CA TYR A 166 -13.81 1.84 16.64
C TYR A 166 -15.03 1.28 17.33
N LYS A 167 -15.33 0.00 17.08
CA LYS A 167 -16.49 -0.63 17.69
C LYS A 167 -16.31 -0.75 19.20
N GLN A 168 -15.11 -1.12 19.62
CA GLN A 168 -14.82 -1.24 21.04
C GLN A 168 -14.93 0.13 21.70
N ALA A 169 -14.59 1.18 20.96
CA ALA A 169 -14.64 2.54 21.48
C ALA A 169 -16.05 2.98 21.86
N LEU A 170 -17.05 2.48 21.14
CA LEU A 170 -18.43 2.87 21.42
C LEU A 170 -19.19 1.86 22.26
N CYS A 171 -18.47 0.87 22.81
CA CYS A 171 -19.08 -0.15 23.66
C CYS A 171 -18.55 0.02 25.08
N ALA A 172 -19.32 -0.43 26.06
CA ALA A 172 -18.89 -0.33 27.44
C ALA A 172 -17.75 -1.35 27.58
N PRO A 173 -16.78 -1.08 28.47
CA PRO A 173 -16.65 0.08 29.35
C PRO A 173 -15.95 1.28 28.71
N CYS A 174 -15.32 1.07 27.56
CA CYS A 174 -14.59 2.14 26.89
C CYS A 174 -15.43 3.38 26.59
N VAL A 175 -16.64 3.19 26.08
CA VAL A 175 -17.49 4.32 25.73
C VAL A 175 -17.78 5.27 26.88
N ASN A 176 -17.66 4.79 28.11
CA ASN A 176 -17.91 5.62 29.27
C ASN A 176 -16.84 6.67 29.57
N VAL A 177 -15.73 6.61 28.84
CA VAL A 177 -14.66 7.59 29.03
C VAL A 177 -14.35 8.27 27.69
N LEU A 178 -15.21 8.05 26.71
CA LEU A 178 -15.08 8.67 25.40
C LEU A 178 -15.39 10.15 25.56
N GLN A 179 -14.46 11.00 25.14
CA GLN A 179 -14.63 12.45 25.29
C GLN A 179 -15.21 13.13 24.07
N ALA A 180 -14.86 12.65 22.89
CA ALA A 180 -15.33 13.27 21.66
C ALA A 180 -15.00 12.44 20.43
N ILE A 181 -15.68 12.76 19.33
CA ILE A 181 -15.44 12.09 18.07
C ILE A 181 -15.20 13.17 17.03
N HIS A 182 -14.00 13.16 16.46
CA HIS A 182 -13.63 14.12 15.42
C HIS A 182 -13.82 13.34 14.12
N ARG A 183 -14.99 13.50 13.52
CA ARG A 183 -15.31 12.79 12.29
C ARG A 183 -15.27 13.60 11.01
N THR A 184 -14.57 13.06 10.01
CA THR A 184 -14.52 13.71 8.71
C THR A 184 -15.60 12.98 7.93
N VAL A 185 -16.69 13.68 7.61
CA VAL A 185 -17.78 13.08 6.85
C VAL A 185 -17.42 13.15 5.37
N VAL A 186 -17.50 12.01 4.69
CA VAL A 186 -17.15 11.93 3.27
C VAL A 186 -18.34 11.58 2.38
N ARG A 187 -18.44 12.30 1.26
CA ARG A 187 -19.52 12.08 0.28
C ARG A 187 -18.95 12.26 -1.13
N PRO A 188 -19.47 11.51 -2.12
CA PRO A 188 -20.54 10.53 -1.99
C PRO A 188 -20.01 9.22 -1.41
N ALA A 189 -20.91 8.30 -1.07
CA ALA A 189 -20.50 7.02 -0.49
C ALA A 189 -19.51 6.28 -1.41
N SER A 190 -18.57 5.59 -0.77
CA SER A 190 -17.58 4.82 -1.51
C SER A 190 -18.17 3.51 -2.01
N ASN A 191 -17.70 3.03 -3.16
CA ASN A 191 -18.20 1.77 -3.70
C ASN A 191 -17.16 0.67 -3.45
N SER A 192 -16.32 0.87 -2.43
CA SER A 192 -15.28 -0.09 -2.08
C SER A 192 -15.21 -0.42 -0.60
N CYS A 193 -16.06 0.20 0.21
CA CYS A 193 -16.02 -0.06 1.66
C CYS A 193 -16.74 -1.30 2.15
N SER A 194 -15.98 -2.12 2.87
CA SER A 194 -16.49 -3.36 3.46
C SER A 194 -16.32 -3.31 4.98
N VAL A 195 -15.60 -2.30 5.47
CA VAL A 195 -15.38 -2.11 6.90
C VAL A 195 -16.10 -0.82 7.29
N PHE A 196 -16.78 -0.83 8.44
CA PHE A 196 -17.54 0.34 8.86
C PHE A 196 -17.34 0.79 10.30
N PHE A 197 -17.89 1.98 10.57
CA PHE A 197 -17.88 2.58 11.89
C PHE A 197 -19.33 3.02 12.10
N ASP A 198 -20.07 2.27 12.90
CA ASP A 198 -21.47 2.56 13.16
C ASP A 198 -21.65 3.56 14.28
N ILE A 199 -22.03 4.78 13.92
CA ILE A 199 -22.27 5.84 14.89
C ILE A 199 -23.77 6.08 14.94
N PRO A 200 -24.32 6.32 16.14
CA PRO A 200 -25.77 6.55 16.23
C PRO A 200 -26.15 7.89 15.60
N ALA A 201 -27.22 7.88 14.81
CA ALA A 201 -27.69 9.09 14.15
C ALA A 201 -28.11 10.15 15.16
N ALA A 202 -28.08 11.41 14.75
CA ALA A 202 -28.46 12.50 15.63
C ALA A 202 -29.90 12.30 16.11
N GLY A 203 -30.13 12.51 17.39
CA GLY A 203 -31.47 12.34 17.93
C GLY A 203 -31.77 10.90 18.26
N THR A 204 -30.73 10.08 18.34
CA THR A 204 -30.87 8.67 18.64
C THR A 204 -29.94 8.28 19.77
N LYS A 205 -30.41 7.41 20.66
CA LYS A 205 -29.60 6.95 21.78
C LYS A 205 -29.50 5.43 21.67
N THR A 206 -28.28 4.92 21.52
CA THR A 206 -28.08 3.48 21.38
C THR A 206 -28.67 2.74 22.58
N PRO A 207 -29.00 1.45 22.40
CA PRO A 207 -29.57 0.65 23.49
C PRO A 207 -28.62 0.63 24.68
N GLU A 208 -27.33 0.78 24.39
CA GLU A 208 -26.31 0.79 25.44
C GLU A 208 -26.36 2.10 26.20
N GLY A 209 -26.93 3.13 25.59
CA GLY A 209 -27.04 4.41 26.25
C GLY A 209 -26.24 5.59 25.72
N LEU A 210 -25.66 5.45 24.53
CA LEU A 210 -24.87 6.54 23.96
C LEU A 210 -25.60 7.38 22.93
N GLU A 211 -25.58 8.69 23.14
CA GLU A 211 -26.18 9.63 22.19
C GLU A 211 -25.14 10.71 21.95
N LEU A 212 -24.92 11.04 20.68
CA LEU A 212 -23.95 12.05 20.32
C LEU A 212 -24.61 13.34 19.89
N VAL A 213 -23.98 14.46 20.25
CA VAL A 213 -24.49 15.77 19.90
C VAL A 213 -23.40 16.51 19.12
N ARG A 214 -23.81 17.16 18.04
CA ARG A 214 -22.85 17.91 17.23
C ARG A 214 -22.45 19.18 17.95
N GLU A 215 -21.15 19.37 18.11
CA GLU A 215 -20.61 20.55 18.76
C GLU A 215 -20.24 21.56 17.69
N SER A 216 -19.82 21.04 16.55
CA SER A 216 -19.44 21.89 15.42
C SER A 216 -19.29 21.07 14.15
N ILE A 217 -19.35 21.76 13.02
CA ILE A 217 -19.19 21.13 11.72
C ILE A 217 -18.89 22.21 10.70
N THR A 218 -17.91 21.96 9.84
CA THR A 218 -17.53 22.92 8.81
C THR A 218 -18.52 22.81 7.66
N ASP A 219 -18.56 23.81 6.80
CA ASP A 219 -19.44 23.74 5.64
C ASP A 219 -18.78 22.73 4.71
N GLU A 220 -19.57 22.08 3.87
CA GLU A 220 -19.03 21.10 2.94
C GLU A 220 -18.02 21.70 1.97
N ARG A 221 -16.91 21.00 1.76
CA ARG A 221 -15.87 21.46 0.86
C ARG A 221 -15.50 20.36 -0.12
N VAL A 222 -14.88 20.74 -1.24
CA VAL A 222 -14.47 19.79 -2.25
C VAL A 222 -12.97 19.56 -2.16
N SER A 223 -12.57 18.30 -2.01
CA SER A 223 -11.16 17.96 -1.91
C SER A 223 -10.43 18.12 -3.23
N THR A 224 -9.16 18.51 -3.15
CA THR A 224 -8.33 18.67 -4.33
C THR A 224 -7.82 17.29 -4.75
N GLY A 225 -8.20 16.27 -3.99
CA GLY A 225 -7.77 14.91 -4.29
C GLY A 225 -8.51 14.28 -5.45
N ALA A 226 -8.03 13.11 -5.88
CA ALA A 226 -8.65 12.40 -6.99
C ALA A 226 -10.12 12.14 -6.64
N GLY A 227 -11.01 12.38 -7.61
CA GLY A 227 -12.42 12.16 -7.38
C GLY A 227 -13.12 13.36 -6.76
N GLY A 228 -12.33 14.27 -6.19
CA GLY A 228 -12.90 15.45 -5.57
C GLY A 228 -14.01 15.16 -4.58
N LYS A 229 -13.74 14.30 -3.60
CA LYS A 229 -14.74 13.97 -2.60
C LYS A 229 -15.17 15.22 -1.84
N LYS A 230 -16.42 15.25 -1.41
CA LYS A 230 -16.94 16.39 -0.65
C LYS A 230 -16.87 15.96 0.82
N TYR A 231 -16.29 16.83 1.65
CA TYR A 231 -16.11 16.49 3.05
C TYR A 231 -16.45 17.61 4.03
N GLN A 232 -16.62 17.22 5.29
CA GLN A 232 -16.91 18.16 6.36
C GLN A 232 -16.17 17.65 7.59
N PHE A 233 -15.70 18.58 8.41
CA PHE A 233 -15.03 18.20 9.64
C PHE A 233 -16.06 18.43 10.72
N GLU A 234 -16.46 17.36 11.38
CA GLU A 234 -17.47 17.45 12.43
C GLU A 234 -16.92 17.00 13.78
N LYS A 235 -17.36 17.65 14.84
CA LYS A 235 -16.96 17.25 16.19
C LYS A 235 -18.23 16.90 16.95
N LEU A 236 -18.25 15.70 17.52
CA LEU A 236 -19.40 15.22 18.27
C LEU A 236 -18.96 14.84 19.68
N VAL A 237 -19.85 15.01 20.66
CA VAL A 237 -19.52 14.67 22.03
C VAL A 237 -20.70 13.92 22.65
N PRO A 238 -20.43 13.03 23.61
CA PRO A 238 -21.50 12.28 24.26
C PRO A 238 -22.38 13.26 25.05
N ARG A 239 -23.68 13.00 25.09
CA ARG A 239 -24.60 13.88 25.80
C ARG A 239 -24.67 13.60 27.29
N ASN A 240 -24.59 14.66 28.09
CA ASN A 240 -24.67 14.56 29.54
C ASN A 240 -25.50 15.74 30.07
N ARG B 23 10.73 -31.33 -25.21
CA ARG B 23 9.93 -30.15 -24.75
C ARG B 23 9.86 -29.06 -25.81
N PRO B 24 8.64 -28.58 -26.12
CA PRO B 24 8.51 -27.52 -27.12
C PRO B 24 9.15 -26.24 -26.61
N PRO B 25 9.40 -25.28 -27.51
CA PRO B 25 10.02 -24.01 -27.10
C PRO B 25 9.14 -23.21 -26.14
N LEU B 26 9.78 -22.41 -25.30
CA LEU B 26 9.06 -21.57 -24.35
C LEU B 26 8.78 -20.27 -25.08
N ARG B 27 7.72 -19.56 -24.71
CA ARG B 27 7.40 -18.30 -25.37
C ARG B 27 8.48 -17.27 -25.08
N PRO B 28 8.99 -16.59 -26.13
CA PRO B 28 10.03 -15.58 -25.91
C PRO B 28 9.41 -14.48 -25.05
N PHE B 29 10.24 -13.72 -24.35
CA PHE B 29 9.74 -12.64 -23.48
C PHE B 29 10.80 -11.57 -23.23
N SER B 30 10.36 -10.45 -22.68
CA SER B 30 11.26 -9.34 -22.35
C SER B 30 11.04 -8.97 -20.89
N VAL B 31 12.06 -8.37 -20.29
CA VAL B 31 11.98 -7.95 -18.89
C VAL B 31 11.87 -6.42 -18.84
N VAL B 32 11.07 -5.94 -17.90
CA VAL B 32 10.92 -4.50 -17.68
C VAL B 32 11.10 -4.41 -16.18
N VAL B 33 12.05 -3.58 -15.76
CA VAL B 33 12.36 -3.45 -14.34
C VAL B 33 12.96 -2.09 -14.04
N ALA B 34 12.93 -1.72 -12.76
CA ALA B 34 13.54 -0.48 -12.29
C ALA B 34 14.39 -0.89 -11.09
N SER B 35 15.67 -0.57 -11.12
CA SER B 35 16.55 -0.95 -10.01
C SER B 35 17.70 0.03 -9.86
N ASP B 36 18.23 0.15 -8.64
CA ASP B 36 19.35 1.06 -8.40
C ASP B 36 20.67 0.34 -8.69
N GLU B 37 21.79 1.04 -8.49
CA GLU B 37 23.12 0.48 -8.75
C GLU B 37 23.49 -0.72 -7.88
N LYS B 38 22.75 -0.94 -6.80
CA LYS B 38 23.03 -2.08 -5.94
C LYS B 38 22.13 -3.23 -6.38
N GLY B 39 21.32 -2.96 -7.40
CA GLY B 39 20.40 -3.97 -7.92
C GLY B 39 19.11 -4.01 -7.12
N GLY B 40 18.97 -3.11 -6.16
CA GLY B 40 17.77 -3.07 -5.35
C GLY B 40 16.52 -2.74 -6.14
N ILE B 41 15.45 -3.51 -5.91
CA ILE B 41 14.18 -3.26 -6.61
C ILE B 41 13.00 -3.01 -5.67
N GLY B 42 13.13 -3.43 -4.42
CA GLY B 42 12.05 -3.22 -3.47
C GLY B 42 12.40 -3.56 -2.03
N ASP B 43 11.50 -3.25 -1.10
CA ASP B 43 11.72 -3.53 0.32
C ASP B 43 11.05 -4.82 0.76
N GLY B 44 10.51 -5.56 -0.21
CA GLY B 44 9.84 -6.82 0.11
C GLY B 44 8.35 -6.70 -0.09
N GLY B 45 7.81 -5.51 0.12
CA GLY B 45 6.38 -5.30 -0.06
C GLY B 45 6.04 -4.26 -1.11
N THR B 46 6.93 -3.30 -1.31
CA THR B 46 6.67 -2.25 -2.31
C THR B 46 7.96 -1.70 -2.91
N ILE B 47 7.80 -0.68 -3.76
CA ILE B 47 8.92 -0.02 -4.42
C ILE B 47 9.17 1.24 -3.57
N PRO B 48 10.40 1.40 -3.07
CA PRO B 48 10.79 2.54 -2.23
C PRO B 48 10.85 3.94 -2.84
N TRP B 49 10.93 4.04 -4.15
CA TRP B 49 11.01 5.37 -4.77
C TRP B 49 9.76 5.76 -5.53
N GLU B 50 9.61 7.06 -5.73
CA GLU B 50 8.48 7.64 -6.44
C GLU B 50 8.99 8.32 -7.70
N ILE B 51 8.93 7.62 -8.82
CA ILE B 51 9.38 8.15 -10.11
C ILE B 51 8.24 8.03 -11.12
N PRO B 52 7.32 9.01 -11.11
CA PRO B 52 6.19 8.99 -12.05
C PRO B 52 6.58 8.81 -13.52
N GLU B 53 7.75 9.31 -13.91
CA GLU B 53 8.19 9.18 -15.30
C GLU B 53 8.36 7.70 -15.65
N ASP B 54 8.90 6.92 -14.72
CA ASP B 54 9.09 5.49 -14.94
C ASP B 54 7.73 4.78 -14.96
N MET B 55 6.83 5.20 -14.07
CA MET B 55 5.51 4.60 -14.01
C MET B 55 4.78 4.77 -15.35
N GLN B 56 4.89 5.96 -15.93
CA GLN B 56 4.24 6.23 -17.21
C GLN B 56 4.92 5.46 -18.34
N TYR B 57 6.25 5.42 -18.33
CA TYR B 57 6.98 4.69 -19.36
C TYR B 57 6.62 3.22 -19.27
N PHE B 58 6.62 2.69 -18.05
CA PHE B 58 6.29 1.28 -17.85
C PHE B 58 4.92 0.95 -18.45
N ARG B 59 3.94 1.79 -18.19
CA ARG B 59 2.59 1.57 -18.71
C ARG B 59 2.59 1.52 -20.24
N ARG B 60 3.21 2.52 -20.88
CA ARG B 60 3.25 2.59 -22.33
C ARG B 60 3.99 1.41 -22.95
N VAL B 61 5.17 1.10 -22.43
CA VAL B 61 5.99 0.00 -22.94
C VAL B 61 5.27 -1.35 -22.88
N THR B 62 4.65 -1.66 -21.74
CA THR B 62 3.95 -2.93 -21.59
C THR B 62 2.58 -2.99 -22.27
N THR B 63 1.98 -1.83 -22.55
CA THR B 63 0.66 -1.78 -23.17
C THR B 63 0.66 -1.70 -24.70
N ASN B 64 1.53 -0.86 -25.25
CA ASN B 64 1.60 -0.64 -26.69
C ASN B 64 1.73 -1.89 -27.56
N LEU B 65 0.98 -1.90 -28.66
CA LEU B 65 0.99 -3.00 -29.62
C LEU B 65 1.62 -2.49 -30.92
N ARG B 66 2.30 -3.38 -31.63
CA ARG B 66 2.97 -3.03 -32.87
C ARG B 66 2.03 -2.56 -33.99
N GLY B 67 2.59 -1.77 -34.89
CA GLY B 67 1.80 -1.28 -36.02
C GLY B 67 1.02 -0.02 -35.73
N LYS B 68 0.26 0.42 -36.72
CA LYS B 68 -0.54 1.63 -36.57
C LYS B 68 -1.92 1.39 -36.00
N ASN B 69 -2.28 2.23 -35.03
CA ASN B 69 -3.58 2.21 -34.40
C ASN B 69 -4.20 0.88 -34.00
N VAL B 70 -3.43 0.00 -33.37
CA VAL B 70 -3.97 -1.27 -32.90
C VAL B 70 -4.24 -1.10 -31.41
N LYS B 71 -5.52 -0.99 -31.06
CA LYS B 71 -5.94 -0.81 -29.68
C LYS B 71 -5.96 -2.16 -28.97
N PRO B 72 -5.38 -2.24 -27.77
CA PRO B 72 -5.36 -3.50 -27.03
C PRO B 72 -6.77 -4.04 -26.77
N SER B 73 -6.91 -5.36 -26.86
CA SER B 73 -8.19 -6.01 -26.62
C SER B 73 -7.92 -7.47 -26.26
N PRO B 74 -8.94 -8.20 -25.80
CA PRO B 74 -8.71 -9.61 -25.46
C PRO B 74 -8.25 -10.40 -26.68
N SER B 75 -8.58 -9.91 -27.87
CA SER B 75 -8.20 -10.55 -29.13
C SER B 75 -6.70 -10.43 -29.38
N LYS B 76 -6.12 -9.35 -28.87
CA LYS B 76 -4.68 -9.10 -29.01
C LYS B 76 -4.25 -7.99 -28.07
N ARG B 77 -3.32 -8.34 -27.19
CA ARG B 77 -2.78 -7.41 -26.19
C ARG B 77 -1.50 -8.07 -25.71
N ASN B 78 -0.75 -7.39 -24.86
CA ASN B 78 0.47 -7.98 -24.32
C ASN B 78 0.13 -8.60 -22.99
N ALA B 79 1.02 -9.46 -22.51
CA ALA B 79 0.84 -10.11 -21.23
C ALA B 79 1.96 -9.64 -20.31
N VAL B 80 1.63 -9.49 -19.03
CA VAL B 80 2.62 -9.10 -18.03
C VAL B 80 2.62 -10.23 -17.02
N VAL B 81 3.78 -10.85 -16.83
CA VAL B 81 3.93 -11.97 -15.90
C VAL B 81 4.59 -11.46 -14.63
N MET B 82 3.95 -11.73 -13.49
CA MET B 82 4.44 -11.25 -12.21
C MET B 82 4.23 -12.26 -11.09
N GLY B 83 5.01 -12.11 -10.02
CA GLY B 83 4.87 -12.98 -8.87
C GLY B 83 3.67 -12.50 -8.07
N ARG B 84 3.10 -13.39 -7.25
CA ARG B 84 1.93 -13.04 -6.46
C ARG B 84 2.17 -11.84 -5.53
N LYS B 85 3.39 -11.72 -5.00
CA LYS B 85 3.69 -10.61 -4.12
C LYS B 85 3.68 -9.30 -4.89
N THR B 86 4.08 -9.34 -6.15
CA THR B 86 4.07 -8.13 -6.97
C THR B 86 2.62 -7.75 -7.27
N TRP B 87 1.77 -8.75 -7.45
CA TRP B 87 0.35 -8.52 -7.70
C TRP B 87 -0.24 -7.85 -6.47
N ASP B 88 0.12 -8.35 -5.29
CA ASP B 88 -0.38 -7.77 -4.06
C ASP B 88 0.13 -6.36 -3.84
N SER B 89 1.31 -6.06 -4.38
CA SER B 89 1.90 -4.72 -4.22
C SER B 89 1.16 -3.67 -5.05
N LEU B 90 0.41 -4.12 -6.05
CA LEU B 90 -0.33 -3.20 -6.90
C LEU B 90 -1.48 -2.51 -6.17
N PRO B 91 -1.50 -1.16 -6.20
CA PRO B 91 -2.59 -0.48 -5.52
C PRO B 91 -3.89 -0.74 -6.29
N PRO B 92 -5.06 -0.50 -5.67
CA PRO B 92 -6.34 -0.73 -6.32
C PRO B 92 -6.49 -0.16 -7.73
N LYS B 93 -5.99 1.05 -7.96
CA LYS B 93 -6.10 1.66 -9.29
C LYS B 93 -5.27 0.94 -10.35
N PHE B 94 -4.31 0.12 -9.91
CA PHE B 94 -3.43 -0.60 -10.83
C PHE B 94 -3.67 -2.10 -10.82
N ARG B 95 -4.76 -2.55 -10.19
CA ARG B 95 -5.02 -3.98 -10.13
C ARG B 95 -6.38 -4.39 -10.70
N PRO B 96 -6.36 -5.11 -11.84
CA PRO B 96 -5.14 -5.52 -12.54
C PRO B 96 -4.60 -4.40 -13.41
N LEU B 97 -3.45 -4.64 -14.04
CA LEU B 97 -2.86 -3.64 -14.91
C LEU B 97 -3.71 -3.60 -16.17
N SER B 98 -4.42 -2.48 -16.38
CA SER B 98 -5.32 -2.33 -17.53
C SER B 98 -4.71 -2.57 -18.91
N ASN B 99 -5.54 -3.09 -19.81
CA ASN B 99 -5.19 -3.32 -21.21
C ASN B 99 -4.08 -4.33 -21.47
N ARG B 100 -3.85 -5.22 -20.52
CA ARG B 100 -2.82 -6.24 -20.63
C ARG B 100 -3.34 -7.48 -19.91
N LEU B 101 -2.92 -8.66 -20.36
CA LEU B 101 -3.33 -9.88 -19.68
C LEU B 101 -2.42 -9.99 -18.47
N ASN B 102 -3.00 -10.10 -17.27
CA ASN B 102 -2.21 -10.20 -16.05
C ASN B 102 -2.00 -11.67 -15.68
N VAL B 103 -0.79 -12.16 -15.85
CA VAL B 103 -0.44 -13.54 -15.53
C VAL B 103 0.27 -13.55 -14.18
N VAL B 104 -0.42 -14.07 -13.17
CA VAL B 104 0.13 -14.09 -11.82
C VAL B 104 0.60 -15.50 -11.42
N LEU B 105 1.83 -15.58 -10.95
CA LEU B 105 2.40 -16.86 -10.53
C LEU B 105 2.20 -17.04 -9.03
N SER B 106 1.62 -18.18 -8.65
CA SER B 106 1.38 -18.48 -7.24
C SER B 106 1.24 -19.96 -7.02
N ARG B 107 1.76 -20.45 -5.89
CA ARG B 107 1.69 -21.86 -5.57
C ARG B 107 0.30 -22.21 -5.08
N SER B 108 -0.37 -21.26 -4.44
CA SER B 108 -1.69 -21.51 -3.90
C SER B 108 -2.86 -20.69 -4.45
N ALA B 109 -2.71 -19.37 -4.46
CA ALA B 109 -3.77 -18.49 -4.95
C ALA B 109 -4.32 -18.85 -6.33
N THR B 110 -5.64 -19.01 -6.39
CA THR B 110 -6.33 -19.31 -7.64
C THR B 110 -6.75 -17.98 -8.26
N LYS B 111 -7.34 -18.05 -9.44
CA LYS B 111 -7.80 -16.85 -10.14
C LYS B 111 -8.85 -16.11 -9.31
N GLU B 112 -9.80 -16.86 -8.77
CA GLU B 112 -10.85 -16.24 -7.97
C GLU B 112 -10.28 -15.57 -6.72
N GLN B 113 -9.30 -16.22 -6.09
CA GLN B 113 -8.69 -15.66 -4.89
C GLN B 113 -7.93 -14.37 -5.20
N LEU B 114 -7.31 -14.30 -6.37
CA LEU B 114 -6.58 -13.09 -6.77
C LEU B 114 -7.56 -11.94 -7.01
N LEU B 115 -8.70 -12.27 -7.61
CA LEU B 115 -9.72 -11.26 -7.90
C LEU B 115 -10.42 -10.80 -6.62
N ALA B 116 -10.47 -11.67 -5.62
CA ALA B 116 -11.14 -11.38 -4.36
C ALA B 116 -10.59 -10.16 -3.63
N GLY B 117 -9.35 -9.81 -3.92
CA GLY B 117 -8.71 -8.67 -3.27
C GLY B 117 -9.00 -7.34 -3.92
N ILE B 118 -9.65 -7.34 -5.08
CA ILE B 118 -9.99 -6.10 -5.78
C ILE B 118 -11.26 -5.55 -5.10
N PRO B 119 -11.13 -4.42 -4.39
CA PRO B 119 -12.23 -3.77 -3.65
C PRO B 119 -13.50 -3.32 -4.41
N ASP B 120 -13.36 -2.75 -5.60
CA ASP B 120 -14.53 -2.32 -6.37
C ASP B 120 -15.13 -3.60 -6.97
N PRO B 121 -16.35 -3.99 -6.53
CA PRO B 121 -16.99 -5.20 -7.04
C PRO B 121 -17.30 -5.22 -8.53
N ILE B 122 -17.56 -4.06 -9.11
CA ILE B 122 -17.84 -4.00 -10.54
C ILE B 122 -16.52 -4.12 -11.29
N LYS B 123 -15.49 -3.45 -10.78
CA LYS B 123 -14.19 -3.54 -11.42
C LYS B 123 -13.68 -4.98 -11.30
N ARG B 124 -13.99 -5.63 -10.18
CA ARG B 124 -13.58 -7.02 -9.96
C ARG B 124 -14.25 -7.91 -11.01
N ALA B 125 -15.49 -7.59 -11.32
CA ALA B 125 -16.25 -8.35 -12.31
C ALA B 125 -15.60 -8.18 -13.69
N GLU B 126 -15.28 -6.93 -14.03
CA GLU B 126 -14.66 -6.62 -15.31
C GLU B 126 -13.24 -7.20 -15.41
N ALA B 127 -12.58 -7.37 -14.27
CA ALA B 127 -11.21 -7.87 -14.22
C ALA B 127 -11.04 -9.37 -14.48
N ALA B 128 -12.09 -10.15 -14.26
CA ALA B 128 -12.01 -11.60 -14.45
C ALA B 128 -11.45 -11.99 -15.82
N ASN B 129 -11.75 -11.18 -16.82
CA ASN B 129 -11.31 -11.42 -18.19
C ASN B 129 -9.85 -11.04 -18.42
N ASP B 130 -9.26 -10.34 -17.45
CA ASP B 130 -7.89 -9.88 -17.57
C ASP B 130 -6.88 -10.57 -16.65
N VAL B 131 -7.31 -11.56 -15.89
CA VAL B 131 -6.42 -12.23 -14.96
C VAL B 131 -6.37 -13.74 -15.10
N VAL B 132 -5.15 -14.28 -15.08
CA VAL B 132 -4.93 -15.71 -15.17
C VAL B 132 -3.90 -16.09 -14.10
N ALA B 133 -4.19 -17.16 -13.37
CA ALA B 133 -3.29 -17.62 -12.32
C ALA B 133 -2.51 -18.82 -12.83
N VAL B 134 -1.22 -18.85 -12.53
CA VAL B 134 -0.38 -19.96 -12.94
C VAL B 134 0.24 -20.58 -11.70
N ASN B 135 -0.06 -21.85 -11.45
CA ASN B 135 0.51 -22.53 -10.30
C ASN B 135 1.85 -23.05 -10.76
N GLY B 136 2.82 -22.16 -10.85
CA GLY B 136 4.15 -22.52 -11.30
C GLY B 136 4.97 -21.26 -11.45
N GLY B 137 6.21 -21.41 -11.89
CA GLY B 137 7.07 -20.25 -12.08
C GLY B 137 7.04 -19.69 -13.48
N LEU B 138 8.00 -18.83 -13.77
CA LEU B 138 8.09 -18.20 -15.08
C LEU B 138 8.06 -19.25 -16.20
N GLU B 139 8.85 -20.31 -16.05
CA GLU B 139 8.87 -21.35 -17.08
C GLU B 139 7.48 -21.88 -17.37
N ASP B 140 6.72 -22.18 -16.33
CA ASP B 140 5.37 -22.68 -16.51
C ASP B 140 4.54 -21.67 -17.28
N ALA B 141 4.72 -20.39 -16.94
CA ALA B 141 3.99 -19.32 -17.62
C ALA B 141 4.36 -19.28 -19.11
N LEU B 142 5.64 -19.39 -19.41
CA LEU B 142 6.10 -19.35 -20.79
C LEU B 142 5.65 -20.56 -21.60
N ARG B 143 5.51 -21.72 -20.96
CA ARG B 143 5.04 -22.90 -21.67
C ARG B 143 3.59 -22.67 -22.04
N MET B 144 2.83 -22.10 -21.11
CA MET B 144 1.41 -21.83 -21.34
C MET B 144 1.17 -20.77 -22.40
N LEU B 145 2.04 -19.77 -22.46
CA LEU B 145 1.89 -18.68 -23.42
C LEU B 145 2.22 -19.01 -24.89
N VAL B 146 2.62 -20.25 -25.15
CA VAL B 146 2.92 -20.66 -26.53
C VAL B 146 1.67 -21.34 -27.08
N SER B 147 0.69 -21.55 -26.20
CA SER B 147 -0.57 -22.18 -26.55
C SER B 147 -1.25 -21.49 -27.74
N LYS B 148 -2.01 -22.26 -28.51
CA LYS B 148 -2.71 -21.75 -29.69
C LYS B 148 -3.48 -20.47 -29.38
N GLU B 149 -4.16 -20.46 -28.24
CA GLU B 149 -4.95 -19.32 -27.80
C GLU B 149 -4.10 -18.08 -27.55
N HIS B 150 -2.94 -18.28 -26.95
CA HIS B 150 -2.04 -17.17 -26.62
C HIS B 150 -1.09 -16.77 -27.73
N THR B 151 -0.79 -17.70 -28.63
CA THR B 151 0.11 -17.41 -29.74
C THR B 151 -0.42 -16.23 -30.55
N SER B 152 -1.73 -16.22 -30.78
CA SER B 152 -2.34 -15.15 -31.55
C SER B 152 -2.83 -13.97 -30.71
N SER B 153 -3.43 -14.25 -29.56
CA SER B 153 -3.98 -13.19 -28.72
C SER B 153 -2.97 -12.41 -27.88
N ILE B 154 -1.78 -12.96 -27.68
CA ILE B 154 -0.75 -12.27 -26.90
C ILE B 154 0.42 -11.93 -27.84
N GLU B 155 0.67 -10.64 -28.02
CA GLU B 155 1.75 -10.20 -28.91
C GLU B 155 3.13 -10.27 -28.26
N THR B 156 3.29 -9.61 -27.12
CA THR B 156 4.56 -9.63 -26.41
C THR B 156 4.34 -9.97 -24.95
N VAL B 157 5.27 -10.75 -24.40
CA VAL B 157 5.22 -11.16 -23.00
C VAL B 157 6.27 -10.38 -22.22
N PHE B 158 5.85 -9.68 -21.18
CA PHE B 158 6.75 -8.89 -20.36
C PHE B 158 6.82 -9.43 -18.93
N CYS B 159 8.02 -9.76 -18.48
CA CYS B 159 8.23 -10.24 -17.12
C CYS B 159 8.42 -8.97 -16.30
N ILE B 160 7.53 -8.71 -15.34
CA ILE B 160 7.60 -7.49 -14.56
C ILE B 160 7.90 -7.59 -13.07
N GLY B 161 8.52 -8.70 -12.65
CA GLY B 161 8.86 -8.85 -11.23
C GLY B 161 8.02 -9.87 -10.47
N GLY B 162 8.35 -10.07 -9.19
CA GLY B 162 9.44 -9.35 -8.56
C GLY B 162 10.76 -10.10 -8.49
N GLY B 163 11.41 -10.02 -7.33
CA GLY B 163 12.68 -10.69 -7.12
C GLY B 163 12.80 -12.11 -7.61
N THR B 164 11.91 -12.99 -7.13
CA THR B 164 11.96 -14.40 -7.52
C THR B 164 11.75 -14.63 -9.01
N ILE B 165 10.85 -13.87 -9.62
CA ILE B 165 10.59 -14.04 -11.05
C ILE B 165 11.73 -13.53 -11.92
N TYR B 166 12.31 -12.39 -11.55
CA TYR B 166 13.43 -11.83 -12.31
C TYR B 166 14.60 -12.81 -12.33
N LYS B 167 14.83 -13.46 -11.19
CA LYS B 167 15.91 -14.43 -11.07
C LYS B 167 15.67 -15.60 -12.02
N GLN B 168 14.44 -16.07 -12.07
CA GLN B 168 14.08 -17.17 -12.97
C GLN B 168 14.25 -16.74 -14.42
N ALA B 169 14.05 -15.46 -14.68
CA ALA B 169 14.18 -14.93 -16.04
C ALA B 169 15.60 -15.00 -16.59
N LEU B 170 16.59 -14.87 -15.71
CA LEU B 170 17.97 -14.90 -16.15
C LEU B 170 18.65 -16.26 -15.96
N CYS B 171 17.86 -17.28 -15.64
CA CYS B 171 18.38 -18.62 -15.45
C CYS B 171 17.82 -19.52 -16.55
N ALA B 172 18.54 -20.58 -16.88
CA ALA B 172 18.08 -21.51 -17.89
C ALA B 172 16.88 -22.23 -17.28
N PRO B 173 15.91 -22.64 -18.10
CA PRO B 173 15.84 -22.49 -19.56
C PRO B 173 15.23 -21.17 -20.03
N CYS B 174 14.60 -20.43 -19.11
CA CYS B 174 13.97 -19.17 -19.48
C CYS B 174 14.89 -18.15 -20.15
N VAL B 175 16.09 -17.96 -19.61
CA VAL B 175 17.02 -16.99 -20.16
C VAL B 175 17.33 -17.21 -21.64
N ASN B 176 17.15 -18.44 -22.12
CA ASN B 176 17.44 -18.73 -23.52
C ASN B 176 16.44 -18.17 -24.52
N VAL B 177 15.33 -17.62 -24.02
CA VAL B 177 14.34 -17.03 -24.89
C VAL B 177 14.10 -15.57 -24.49
N LEU B 178 15.01 -15.04 -23.66
CA LEU B 178 14.95 -13.65 -23.21
C LEU B 178 15.34 -12.79 -24.40
N GLN B 179 14.47 -11.84 -24.76
CA GLN B 179 14.71 -10.97 -25.90
C GLN B 179 15.36 -9.65 -25.56
N ALA B 180 15.03 -9.10 -24.40
CA ALA B 180 15.58 -7.82 -23.99
C ALA B 180 15.21 -7.48 -22.56
N ILE B 181 15.90 -6.48 -22.03
CA ILE B 181 15.64 -5.99 -20.69
C ILE B 181 15.51 -4.48 -20.77
N HIS B 182 14.32 -3.98 -20.45
CA HIS B 182 14.05 -2.55 -20.45
C HIS B 182 14.22 -2.16 -18.99
N ARG B 183 15.41 -1.69 -18.65
CA ARG B 183 15.72 -1.32 -17.28
C ARG B 183 15.79 0.18 -17.02
N THR B 184 15.13 0.61 -15.94
CA THR B 184 15.18 2.00 -15.54
C THR B 184 16.24 2.00 -14.45
N VAL B 185 17.35 2.69 -14.70
CA VAL B 185 18.43 2.76 -13.73
C VAL B 185 18.14 3.92 -12.78
N VAL B 186 18.12 3.63 -11.49
CA VAL B 186 17.81 4.63 -10.47
C VAL B 186 19.01 4.98 -9.57
N ARG B 187 19.20 6.28 -9.35
CA ARG B 187 20.29 6.76 -8.49
C ARG B 187 19.79 7.93 -7.65
N PRO B 188 20.29 8.08 -6.41
CA PRO B 188 21.30 7.22 -5.77
C PRO B 188 20.63 5.97 -5.21
N ALA B 189 21.45 5.02 -4.75
CA ALA B 189 20.92 3.77 -4.21
C ALA B 189 19.90 4.01 -3.09
N SER B 190 18.90 3.16 -3.02
CA SER B 190 17.87 3.27 -2.00
C SER B 190 18.39 2.75 -0.67
N ASN B 191 17.88 3.30 0.42
CA ASN B 191 18.28 2.87 1.76
C ASN B 191 17.23 1.91 2.31
N SER B 192 16.36 1.38 1.44
CA SER B 192 15.29 0.49 1.87
C SER B 192 15.17 -0.83 1.11
N CYS B 193 16.04 -1.06 0.13
CA CYS B 193 15.96 -2.28 -0.67
C CYS B 193 16.56 -3.55 -0.06
N SER B 194 15.73 -4.57 0.05
CA SER B 194 16.12 -5.87 0.57
C SER B 194 15.94 -6.94 -0.50
N VAL B 195 15.26 -6.58 -1.58
CA VAL B 195 15.03 -7.50 -2.70
C VAL B 195 15.80 -6.94 -3.90
N PHE B 196 16.44 -7.82 -4.66
CA PHE B 196 17.25 -7.37 -5.79
C PHE B 196 17.04 -8.09 -7.11
N PHE B 197 17.65 -7.53 -8.15
CA PHE B 197 17.64 -8.07 -9.50
C PHE B 197 19.11 -8.00 -9.91
N ASP B 198 19.80 -9.14 -9.89
CA ASP B 198 21.20 -9.18 -10.25
C ASP B 198 21.46 -9.39 -11.73
N ILE B 199 21.87 -8.31 -12.38
CA ILE B 199 22.16 -8.31 -13.81
C ILE B 199 23.68 -8.35 -13.97
N PRO B 200 24.19 -9.08 -14.97
CA PRO B 200 25.64 -9.12 -15.14
C PRO B 200 26.17 -7.77 -15.66
N ALA B 201 27.24 -7.28 -15.05
CA ALA B 201 27.82 -6.00 -15.46
C ALA B 201 28.27 -6.05 -16.91
N ALA B 202 28.43 -4.87 -17.52
CA ALA B 202 28.87 -4.78 -18.91
C ALA B 202 30.24 -5.42 -19.08
N GLY B 203 30.39 -6.20 -20.16
CA GLY B 203 31.66 -6.85 -20.41
C GLY B 203 31.87 -8.09 -19.56
N THR B 204 30.79 -8.62 -19.00
CA THR B 204 30.86 -9.82 -18.16
C THR B 204 29.82 -10.84 -18.61
N LYS B 205 30.13 -12.12 -18.42
CA LYS B 205 29.22 -13.18 -18.81
C LYS B 205 28.91 -14.05 -17.59
N THR B 206 27.65 -14.46 -17.46
CA THR B 206 27.24 -15.28 -16.32
C THR B 206 27.51 -16.76 -16.58
N PRO B 207 27.51 -17.58 -15.52
CA PRO B 207 27.76 -19.03 -15.64
C PRO B 207 26.95 -19.70 -16.76
N GLU B 208 25.71 -19.26 -16.94
CA GLU B 208 24.86 -19.83 -17.97
C GLU B 208 25.17 -19.25 -19.36
N GLY B 209 26.19 -18.42 -19.42
CA GLY B 209 26.59 -17.83 -20.70
C GLY B 209 25.84 -16.58 -21.09
N LEU B 210 25.29 -15.88 -20.10
CA LEU B 210 24.54 -14.66 -20.41
C LEU B 210 25.37 -13.39 -20.28
N GLU B 211 25.42 -12.63 -21.36
CA GLU B 211 26.12 -11.35 -21.38
C GLU B 211 25.17 -10.36 -22.03
N LEU B 212 24.99 -9.21 -21.40
CA LEU B 212 24.09 -8.20 -21.93
C LEU B 212 24.85 -7.05 -22.59
N VAL B 213 24.31 -6.56 -23.70
CA VAL B 213 24.91 -5.46 -24.42
C VAL B 213 23.90 -4.32 -24.49
N ARG B 214 24.37 -3.10 -24.20
CA ARG B 214 23.50 -1.94 -24.23
C ARG B 214 23.15 -1.56 -25.66
N GLU B 215 21.86 -1.49 -25.94
CA GLU B 215 21.40 -1.11 -27.27
C GLU B 215 21.14 0.39 -27.25
N SER B 216 20.70 0.91 -26.11
CA SER B 216 20.43 2.32 -25.97
C SER B 216 20.24 2.70 -24.50
N ILE B 217 20.42 3.98 -24.21
CA ILE B 217 20.23 4.50 -22.87
C ILE B 217 20.02 6.00 -23.00
N THR B 218 19.10 6.54 -22.20
CA THR B 218 18.81 7.97 -22.23
C THR B 218 19.79 8.68 -21.33
N ASP B 219 19.95 9.99 -21.50
CA ASP B 219 20.85 10.73 -20.63
C ASP B 219 20.14 10.78 -19.28
N GLU B 220 20.90 10.92 -18.20
CA GLU B 220 20.32 10.96 -16.87
C GLU B 220 19.36 12.13 -16.71
N ARG B 221 18.21 11.85 -16.09
CA ARG B 221 17.20 12.87 -15.85
C ARG B 221 16.81 12.90 -14.38
N VAL B 222 16.19 14.00 -13.96
CA VAL B 222 15.77 14.17 -12.58
C VAL B 222 14.25 14.05 -12.50
N SER B 223 13.77 13.12 -11.66
CA SER B 223 12.35 12.91 -11.51
C SER B 223 11.66 14.04 -10.75
N THR B 224 10.41 14.30 -11.11
CA THR B 224 9.64 15.34 -10.43
C THR B 224 9.07 14.72 -9.15
N GLY B 225 9.33 13.43 -8.96
CA GLY B 225 8.84 12.73 -7.79
C GLY B 225 9.56 13.10 -6.49
N ALA B 226 9.00 12.66 -5.37
CA ALA B 226 9.61 12.93 -4.07
C ALA B 226 11.03 12.40 -4.05
N GLY B 227 11.96 13.24 -3.57
CA GLY B 227 13.35 12.82 -3.51
C GLY B 227 14.14 13.17 -4.77
N GLY B 228 13.43 13.45 -5.85
CA GLY B 228 14.11 13.78 -7.10
C GLY B 228 15.13 12.76 -7.57
N LYS B 229 14.74 11.50 -7.59
CA LYS B 229 15.63 10.44 -8.04
C LYS B 229 16.12 10.71 -9.47
N LYS B 230 17.36 10.30 -9.75
CA LYS B 230 17.93 10.47 -11.07
C LYS B 230 17.80 9.13 -11.77
N TYR B 231 17.26 9.15 -12.99
CA TYR B 231 17.05 7.90 -13.72
C TYR B 231 17.45 7.93 -15.19
N GLN B 232 17.58 6.72 -15.75
CA GLN B 232 17.92 6.53 -17.15
C GLN B 232 17.11 5.35 -17.65
N PHE B 233 16.63 5.43 -18.88
CA PHE B 233 15.90 4.33 -19.46
C PHE B 233 16.93 3.62 -20.34
N GLU B 234 17.23 2.38 -19.98
CA GLU B 234 18.21 1.61 -20.72
C GLU B 234 17.58 0.35 -21.33
N LYS B 235 18.05 -0.02 -22.51
CA LYS B 235 17.58 -1.24 -23.16
C LYS B 235 18.80 -2.13 -23.38
N LEU B 236 18.73 -3.34 -22.84
CA LEU B 236 19.82 -4.30 -22.96
C LEU B 236 19.31 -5.53 -23.69
N VAL B 237 20.18 -6.16 -24.47
CA VAL B 237 19.80 -7.38 -25.20
C VAL B 237 20.92 -8.39 -25.03
N PRO B 238 20.57 -9.69 -24.98
CA PRO B 238 21.60 -10.72 -24.81
C PRO B 238 22.56 -10.66 -26.00
N ARG B 239 23.86 -10.80 -25.74
CA ARG B 239 24.83 -10.77 -26.84
C ARG B 239 24.62 -12.04 -27.64
N ASN B 240 24.48 -11.89 -28.96
CA ASN B 240 24.25 -13.05 -29.83
C ASN B 240 25.52 -13.49 -30.55
#